data_5W8X
#
_entry.id   5W8X
#
_cell.length_a   67.806
_cell.length_b   67.806
_cell.length_c   153.880
_cell.angle_alpha   90.000
_cell.angle_beta   90.000
_cell.angle_gamma   120.000
#
_symmetry.space_group_name_H-M   'P 32 2 1'
#
loop_
_entity.id
_entity.type
_entity.pdbx_description
1 polymer 'Lipid-A-disaccharide synthase'
2 non-polymer "URIDINE-5'-DIPHOSPHATE"
3 water water
#
_entity_poly.entity_id   1
_entity_poly.type   'polypeptide(L)'
_entity_poly.pdbx_seq_one_letter_code
;MTEQRPLTIALVAGETSGDILGAGLIRALKEHVPNARFVGVAGPRMQAEGCEAWYEMEELAVMGISESSGRSRRSSHIRA
DLTKRFGELKPDVFVGIDAPDFNITLEGNLKKQGIKTIHYVSPSVWAWRQKRVFKIGRATDLVLAFLPFEKAFYDKYNVP
CRFIGHTMADAMPLDPDKNAARDVLGIPHDAHCLALLPGSRGAEVESLSADFLKTAQLLRQTYPDLEIVVPLVNAKRREQ
FERIKAEVAPDLSVHLLDGMGREAMVASDAALLASGTAALECMLSKCPMVVGYRMKPFTFWLAKRLVKTDYVSLPNLLAG
RELVKELLQEECEPQKLAAALLPLLANGKTSHAMHDTFRELHQQIRCNADEQAAQAVLELAQ
;
_entity_poly.pdbx_strand_id   A
#
# COMPACT_ATOMS: atom_id res chain seq x y z
N ARG A 5 -22.77 21.78 23.71
CA ARG A 5 -22.35 20.39 23.55
C ARG A 5 -20.83 20.30 23.60
N PRO A 6 -20.28 19.39 24.41
CA PRO A 6 -18.83 19.22 24.43
C PRO A 6 -18.32 18.72 23.09
N LEU A 7 -17.04 19.02 22.81
CA LEU A 7 -16.41 18.59 21.58
C LEU A 7 -16.69 17.12 21.31
N THR A 8 -17.25 16.82 20.15
CA THR A 8 -17.62 15.46 19.79
C THR A 8 -16.91 15.09 18.48
N ILE A 9 -16.15 14.00 18.52
CA ILE A 9 -15.31 13.58 17.40
C ILE A 9 -15.78 12.21 16.94
N ALA A 10 -15.96 12.06 15.64
CA ALA A 10 -16.27 10.78 15.03
C ALA A 10 -14.99 10.19 14.46
N LEU A 11 -14.76 8.90 14.74
CA LEU A 11 -13.57 8.20 14.29
C LEU A 11 -13.96 6.89 13.63
N VAL A 12 -13.22 6.50 12.60
CA VAL A 12 -13.39 5.20 11.98
C VAL A 12 -12.02 4.58 11.75
N ALA A 13 -11.75 3.48 12.44
CA ALA A 13 -10.58 2.66 12.20
C ALA A 13 -11.03 1.30 11.70
N GLY A 14 -10.22 0.72 10.81
CA GLY A 14 -10.58 -0.54 10.17
C GLY A 14 -9.55 -1.64 10.33
N GLU A 15 -8.47 -1.36 11.05
CA GLU A 15 -7.42 -2.36 11.25
C GLU A 15 -6.68 -2.01 12.54
N THR A 16 -5.90 -2.98 13.03
CA THR A 16 -5.16 -2.80 14.27
C THR A 16 -4.30 -1.54 14.23
N SER A 17 -3.56 -1.35 13.14
CA SER A 17 -2.72 -0.15 13.02
C SER A 17 -3.55 1.11 13.20
N GLY A 18 -4.75 1.15 12.65
CA GLY A 18 -5.62 2.31 12.82
C GLY A 18 -6.14 2.45 14.24
N ASP A 19 -6.40 1.33 14.92
CA ASP A 19 -6.81 1.39 16.30
C ASP A 19 -5.72 2.00 17.17
N ILE A 20 -4.46 1.69 16.86
CA ILE A 20 -3.35 2.28 17.61
C ILE A 20 -3.30 3.78 17.38
N LEU A 21 -3.37 4.20 16.11
CA LEU A 21 -3.40 5.62 15.80
C LEU A 21 -4.58 6.30 16.49
N GLY A 22 -5.75 5.67 16.45
CA GLY A 22 -6.93 6.28 17.05
C GLY A 22 -6.80 6.44 18.55
N ALA A 23 -6.26 5.42 19.23
CA ALA A 23 -6.08 5.52 20.67
C ALA A 23 -5.10 6.62 21.03
N GLY A 24 -4.01 6.74 20.25
CA GLY A 24 -3.06 7.81 20.49
C GLY A 24 -3.67 9.18 20.24
N LEU A 25 -4.50 9.29 19.21
CA LEU A 25 -5.17 10.56 18.93
C LEU A 25 -6.15 10.91 20.03
N ILE A 26 -6.87 9.92 20.56
CA ILE A 26 -7.82 10.15 21.64
C ILE A 26 -7.09 10.67 22.88
N ARG A 27 -5.97 10.02 23.24
CA ARG A 27 -5.24 10.44 24.43
C ARG A 27 -4.75 11.87 24.30
N ALA A 28 -4.16 12.21 23.15
CA ALA A 28 -3.64 13.56 22.98
C ALA A 28 -4.75 14.60 23.03
N LEU A 29 -5.92 14.27 22.49
CA LEU A 29 -7.03 15.23 22.52
C LEU A 29 -7.57 15.41 23.93
N LYS A 30 -7.72 14.31 24.67
CA LYS A 30 -8.18 14.40 26.06
C LYS A 30 -7.26 15.27 26.90
N GLU A 31 -5.99 15.40 26.52
CA GLU A 31 -5.10 16.32 27.24
C GLU A 31 -5.61 17.76 27.14
N HIS A 32 -6.10 18.14 25.96
CA HIS A 32 -6.59 19.49 25.73
C HIS A 32 -8.08 19.64 26.04
N VAL A 33 -8.84 18.55 25.93
CA VAL A 33 -10.29 18.58 26.15
C VAL A 33 -10.70 17.32 26.89
N PRO A 34 -10.48 17.24 28.21
CA PRO A 34 -10.82 16.00 28.93
C PRO A 34 -12.29 15.60 28.79
N ASN A 35 -13.17 16.54 28.47
CA ASN A 35 -14.59 16.27 28.33
C ASN A 35 -14.98 15.82 26.94
N ALA A 36 -14.02 15.66 26.03
CA ALA A 36 -14.33 15.34 24.65
C ALA A 36 -15.03 13.99 24.56
N ARG A 37 -15.88 13.86 23.55
CA ARG A 37 -16.62 12.64 23.28
C ARG A 37 -16.13 12.02 21.99
N PHE A 38 -16.07 10.69 21.95
CA PHE A 38 -15.54 9.99 20.79
C PHE A 38 -16.45 8.81 20.46
N VAL A 39 -16.79 8.67 19.18
CA VAL A 39 -17.73 7.66 18.74
C VAL A 39 -17.38 7.26 17.32
N GLY A 40 -17.72 6.03 16.96
CA GLY A 40 -17.61 5.60 15.59
C GLY A 40 -17.25 4.10 15.54
N VAL A 41 -16.31 3.79 14.66
CA VAL A 41 -15.81 2.43 14.47
C VAL A 41 -14.49 2.33 15.22
N ALA A 42 -14.48 1.62 16.34
CA ALA A 42 -13.37 1.63 17.28
C ALA A 42 -12.89 0.22 17.56
N GLY A 43 -11.57 0.06 17.60
CA GLY A 43 -10.98 -1.16 18.10
C GLY A 43 -10.89 -1.13 19.61
N PRO A 44 -10.31 -2.19 20.17
CA PRO A 44 -10.26 -2.28 21.64
C PRO A 44 -9.44 -1.18 22.29
N ARG A 45 -8.38 -0.68 21.62
CA ARG A 45 -7.57 0.38 22.22
C ARG A 45 -8.32 1.70 22.24
N MET A 46 -9.00 2.03 21.13
CA MET A 46 -9.83 3.24 21.12
C MET A 46 -10.94 3.15 22.16
N GLN A 47 -11.56 1.97 22.29
CA GLN A 47 -12.61 1.80 23.30
C GLN A 47 -12.05 1.98 24.70
N ALA A 48 -10.88 1.41 24.97
CA ALA A 48 -10.28 1.57 26.29
C ALA A 48 -10.06 3.04 26.62
N GLU A 49 -9.78 3.87 25.62
CA GLU A 49 -9.63 5.30 25.82
C GLU A 49 -10.97 6.02 25.87
N GLY A 50 -12.09 5.30 25.73
CA GLY A 50 -13.40 5.88 25.87
C GLY A 50 -14.17 6.06 24.57
N CYS A 51 -13.70 5.51 23.46
CA CYS A 51 -14.41 5.68 22.19
C CYS A 51 -15.68 4.85 22.19
N GLU A 52 -16.81 5.51 22.04
CA GLU A 52 -18.07 4.83 21.83
C GLU A 52 -18.00 3.99 20.56
N ALA A 53 -18.26 2.70 20.67
CA ALA A 53 -18.11 1.77 19.54
C ALA A 53 -19.49 1.44 18.98
N TRP A 54 -19.97 2.27 18.06
CA TRP A 54 -21.15 1.92 17.29
C TRP A 54 -20.93 0.62 16.52
N TYR A 55 -19.71 0.43 16.02
CA TYR A 55 -19.30 -0.81 15.39
C TYR A 55 -17.89 -1.15 15.85
N GLU A 56 -17.58 -2.44 15.81
CA GLU A 56 -16.22 -2.89 16.10
C GLU A 56 -15.37 -2.75 14.85
N MET A 57 -14.13 -2.31 15.04
CA MET A 57 -13.20 -2.18 13.92
C MET A 57 -13.08 -3.49 13.16
N GLU A 58 -13.19 -4.62 13.84
CA GLU A 58 -13.04 -5.91 13.18
C GLU A 58 -14.10 -6.13 12.11
N GLU A 59 -15.25 -5.46 12.21
CA GLU A 59 -16.31 -5.64 11.22
C GLU A 59 -15.97 -5.03 9.87
N LEU A 60 -14.85 -4.30 9.76
CA LEU A 60 -14.40 -3.77 8.48
C LEU A 60 -13.20 -4.57 7.98
N SER A 72 -17.96 -5.41 -0.24
CA SER A 72 -18.56 -6.24 0.81
C SER A 72 -19.95 -5.75 1.19
N ARG A 73 -20.88 -6.69 1.35
CA ARG A 73 -22.26 -6.34 1.67
C ARG A 73 -22.34 -5.65 3.04
N ARG A 74 -21.82 -6.30 4.08
CA ARG A 74 -21.93 -5.75 5.43
C ARG A 74 -21.24 -4.39 5.52
N SER A 75 -20.06 -4.25 4.91
CA SER A 75 -19.36 -2.96 4.96
C SER A 75 -20.19 -1.86 4.34
N SER A 76 -20.80 -2.13 3.18
CA SER A 76 -21.67 -1.13 2.57
C SER A 76 -22.82 -0.75 3.49
N HIS A 77 -23.42 -1.74 4.16
CA HIS A 77 -24.50 -1.46 5.09
C HIS A 77 -24.02 -0.55 6.22
N ILE A 78 -22.86 -0.85 6.79
CA ILE A 78 -22.33 -0.05 7.91
C ILE A 78 -22.06 1.38 7.45
N ARG A 79 -21.41 1.53 6.29
CA ARG A 79 -21.11 2.87 5.79
C ARG A 79 -22.38 3.66 5.54
N ALA A 80 -23.44 3.00 5.08
CA ALA A 80 -24.71 3.68 4.91
C ALA A 80 -25.27 4.12 6.26
N ASP A 81 -25.24 3.22 7.24
CA ASP A 81 -25.73 3.55 8.57
C ASP A 81 -24.94 4.70 9.19
N LEU A 82 -23.61 4.65 9.07
CA LEU A 82 -22.78 5.72 9.62
C LEU A 82 -23.02 7.03 8.89
N THR A 83 -23.20 6.98 7.57
CA THR A 83 -23.52 8.19 6.82
C THR A 83 -24.75 8.88 7.40
N LYS A 84 -25.80 8.10 7.69
CA LYS A 84 -27.00 8.68 8.28
C LYS A 84 -26.73 9.16 9.71
N ARG A 85 -26.20 8.28 10.56
CA ARG A 85 -26.06 8.61 11.98
C ARG A 85 -25.09 9.78 12.18
N PHE A 86 -23.90 9.69 11.59
CA PHE A 86 -22.99 10.84 11.64
C PHE A 86 -23.66 12.08 11.06
N GLY A 87 -24.52 11.90 10.05
CA GLY A 87 -25.29 13.03 9.54
C GLY A 87 -26.16 13.64 10.61
N GLU A 88 -26.92 12.81 11.32
CA GLU A 88 -27.73 13.31 12.43
C GLU A 88 -26.85 13.94 13.52
N LEU A 89 -25.78 13.24 13.91
CA LEU A 89 -24.96 13.70 15.02
C LEU A 89 -24.30 15.04 14.71
N LYS A 90 -23.90 15.25 13.46
CA LYS A 90 -23.16 16.44 13.06
C LYS A 90 -21.94 16.62 13.96
N PRO A 91 -21.00 15.69 13.94
CA PRO A 91 -19.82 15.82 14.80
C PRO A 91 -18.97 17.01 14.40
N ASP A 92 -18.26 17.55 15.39
CA ASP A 92 -17.36 18.67 15.12
C ASP A 92 -16.36 18.31 14.03
N VAL A 93 -15.75 17.13 14.13
CA VAL A 93 -14.84 16.63 13.11
C VAL A 93 -15.05 15.14 12.95
N PHE A 94 -14.89 14.67 11.71
CA PHE A 94 -14.80 13.25 11.42
C PHE A 94 -13.38 12.93 10.96
N VAL A 95 -12.78 11.90 11.55
CA VAL A 95 -11.44 11.46 11.19
C VAL A 95 -11.54 10.04 10.65
N GLY A 96 -11.30 9.88 9.35
CA GLY A 96 -11.14 8.56 8.78
C GLY A 96 -9.71 8.11 8.97
N ILE A 97 -9.52 7.07 9.77
CA ILE A 97 -8.17 6.60 10.11
C ILE A 97 -7.81 5.52 9.10
N ASP A 98 -6.97 5.87 8.14
CA ASP A 98 -6.54 4.93 7.12
C ASP A 98 -7.76 4.27 6.49
N ALA A 99 -7.67 2.99 6.14
CA ALA A 99 -8.77 2.24 5.56
C ALA A 99 -9.43 3.04 4.43
N PRO A 100 -8.65 3.48 3.45
CA PRO A 100 -9.20 4.42 2.44
C PRO A 100 -10.35 3.85 1.64
N ASP A 101 -10.34 2.54 1.36
CA ASP A 101 -11.41 1.96 0.55
C ASP A 101 -12.76 2.09 1.24
N PHE A 102 -12.78 2.26 2.55
CA PHE A 102 -14.00 2.52 3.30
C PHE A 102 -14.21 4.00 3.60
N ASN A 103 -13.15 4.69 4.03
CA ASN A 103 -13.30 6.00 4.63
C ASN A 103 -13.40 7.14 3.61
N ILE A 104 -12.75 7.01 2.45
CA ILE A 104 -12.77 8.12 1.50
C ILE A 104 -14.20 8.39 1.02
N THR A 105 -14.91 7.32 0.63
CA THR A 105 -16.31 7.48 0.25
C THR A 105 -17.14 8.03 1.40
N LEU A 106 -16.91 7.53 2.62
CA LEU A 106 -17.66 8.02 3.78
C LEU A 106 -17.36 9.49 4.02
N GLU A 107 -16.07 9.86 3.96
CA GLU A 107 -15.69 11.25 4.09
C GLU A 107 -16.40 12.12 3.05
N GLY A 108 -16.57 11.59 1.84
CA GLY A 108 -17.29 12.33 0.82
C GLY A 108 -18.76 12.50 1.16
N ASN A 109 -19.40 11.44 1.65
CA ASN A 109 -20.81 11.52 2.02
C ASN A 109 -21.02 12.57 3.12
N LEU A 110 -20.10 12.63 4.08
CA LEU A 110 -20.27 13.55 5.19
C LEU A 110 -19.96 14.98 4.78
N LYS A 111 -18.95 15.18 3.95
CA LYS A 111 -18.63 16.51 3.45
C LYS A 111 -19.81 17.09 2.70
N LYS A 112 -20.54 16.26 1.96
CA LYS A 112 -21.74 16.72 1.27
C LYS A 112 -22.76 17.29 2.25
N GLN A 113 -22.75 16.84 3.50
CA GLN A 113 -23.63 17.33 4.54
C GLN A 113 -23.05 18.50 5.31
N GLY A 114 -21.89 19.02 4.89
CA GLY A 114 -21.27 20.15 5.55
C GLY A 114 -20.35 19.79 6.70
N ILE A 115 -20.14 18.50 6.97
CA ILE A 115 -19.33 18.08 8.10
C ILE A 115 -17.85 18.19 7.74
N LYS A 116 -17.05 18.62 8.70
CA LYS A 116 -15.61 18.74 8.50
C LYS A 116 -14.96 17.38 8.62
N THR A 117 -14.08 17.06 7.67
CA THR A 117 -13.50 15.72 7.57
C THR A 117 -11.99 15.81 7.47
N ILE A 118 -11.33 14.88 8.15
CA ILE A 118 -9.88 14.66 8.04
C ILE A 118 -9.66 13.21 7.67
N HIS A 119 -8.75 12.97 6.73
CA HIS A 119 -8.28 11.62 6.47
C HIS A 119 -6.86 11.48 7.02
N TYR A 120 -6.68 10.50 7.89
CA TYR A 120 -5.43 10.26 8.60
C TYR A 120 -4.67 9.16 7.86
N VAL A 121 -3.44 9.48 7.42
CA VAL A 121 -2.54 8.57 6.71
C VAL A 121 -2.73 8.71 5.21
N SER A 122 -1.65 8.99 4.49
CA SER A 122 -1.71 9.14 3.05
C SER A 122 -2.11 7.82 2.39
N PRO A 123 -3.21 7.77 1.62
CA PRO A 123 -3.58 6.54 0.91
C PRO A 123 -2.78 6.34 -0.38
N SER A 124 -1.46 6.20 -0.22
CA SER A 124 -0.57 6.21 -1.38
C SER A 124 -0.91 5.09 -2.36
N VAL A 125 -1.12 3.88 -1.86
CA VAL A 125 -1.42 2.75 -2.74
C VAL A 125 -2.80 2.92 -3.37
N TRP A 126 -3.77 3.34 -2.56
CA TRP A 126 -5.15 3.48 -3.03
C TRP A 126 -5.25 4.54 -4.11
N ALA A 127 -4.49 5.64 -3.99
CA ALA A 127 -4.56 6.75 -4.93
C ALA A 127 -3.64 6.48 -6.13
N TRP A 128 -4.03 5.48 -6.92
CA TRP A 128 -3.18 4.99 -7.98
C TRP A 128 -3.26 5.83 -9.26
N ARG A 129 -4.14 6.83 -9.30
CA ARG A 129 -4.26 7.66 -10.49
C ARG A 129 -4.74 9.04 -10.07
N GLN A 130 -4.53 10.01 -10.96
CA GLN A 130 -4.89 11.39 -10.69
C GLN A 130 -6.33 11.52 -10.17
N LYS A 131 -7.27 10.87 -10.85
CA LYS A 131 -8.68 11.01 -10.49
C LYS A 131 -8.92 10.71 -9.02
N ARG A 132 -8.15 9.78 -8.44
CA ARG A 132 -8.34 9.46 -7.03
C ARG A 132 -7.75 10.53 -6.12
N VAL A 133 -6.68 11.21 -6.54
CA VAL A 133 -6.18 12.33 -5.76
C VAL A 133 -7.26 13.40 -5.63
N PHE A 134 -7.90 13.74 -6.76
CA PHE A 134 -8.98 14.71 -6.73
C PHE A 134 -10.14 14.22 -5.86
N LYS A 135 -10.40 12.92 -5.83
CA LYS A 135 -11.41 12.38 -4.93
C LYS A 135 -11.04 12.66 -3.47
N ILE A 136 -9.78 12.43 -3.10
CA ILE A 136 -9.34 12.71 -1.73
C ILE A 136 -9.55 14.18 -1.40
N GLY A 137 -9.15 15.07 -2.31
CA GLY A 137 -9.29 16.49 -2.05
C GLY A 137 -10.74 16.92 -1.89
N ARG A 138 -11.64 16.37 -2.72
CA ARG A 138 -13.04 16.72 -2.62
C ARG A 138 -13.67 16.14 -1.36
N ALA A 139 -13.17 15.01 -0.87
CA ALA A 139 -13.77 14.33 0.27
C ALA A 139 -13.29 14.85 1.61
N THR A 140 -12.16 15.56 1.65
CA THR A 140 -11.52 15.91 2.90
C THR A 140 -11.29 17.41 3.00
N ASP A 141 -11.25 17.90 4.23
CA ASP A 141 -10.75 19.22 4.52
C ASP A 141 -9.25 19.22 4.76
N LEU A 142 -8.69 18.09 5.17
CA LEU A 142 -7.27 17.99 5.44
C LEU A 142 -6.85 16.53 5.42
N VAL A 143 -5.65 16.26 4.91
CA VAL A 143 -5.02 14.94 4.95
C VAL A 143 -3.83 15.02 5.89
N LEU A 144 -3.70 14.04 6.77
CA LEU A 144 -2.55 13.93 7.66
C LEU A 144 -1.57 12.92 7.07
N ALA A 145 -0.35 13.36 6.81
CA ALA A 145 0.67 12.55 6.16
C ALA A 145 1.86 12.33 7.09
N PHE A 146 2.32 11.09 7.17
CA PHE A 146 3.46 10.75 8.02
C PHE A 146 4.77 11.35 7.51
N LEU A 147 4.92 11.47 6.19
CA LEU A 147 6.23 11.72 5.62
C LEU A 147 6.24 13.00 4.78
N PRO A 148 7.39 13.67 4.68
CA PRO A 148 7.40 14.97 3.97
C PRO A 148 7.09 14.85 2.48
N PHE A 149 7.65 13.85 1.79
CA PHE A 149 7.39 13.75 0.36
C PHE A 149 5.93 13.42 0.07
N GLU A 150 5.20 12.89 1.05
CA GLU A 150 3.76 12.72 0.87
C GLU A 150 3.04 14.07 0.90
N LYS A 151 3.46 14.98 1.79
CA LYS A 151 2.87 16.32 1.80
C LYS A 151 3.21 17.07 0.52
N ALA A 152 4.46 16.97 0.07
CA ALA A 152 4.84 17.61 -1.20
C ALA A 152 3.99 17.09 -2.35
N PHE A 153 3.62 15.81 -2.31
CA PHE A 153 2.77 15.25 -3.35
C PHE A 153 1.43 15.97 -3.41
N TYR A 154 0.76 16.09 -2.26
CA TYR A 154 -0.53 16.77 -2.22
C TYR A 154 -0.41 18.28 -2.43
N ASP A 155 0.76 18.86 -2.14
CA ASP A 155 0.98 20.26 -2.48
C ASP A 155 0.83 20.50 -3.97
N LYS A 156 1.26 19.53 -4.78
CA LYS A 156 1.15 19.66 -6.23
C LYS A 156 -0.30 19.76 -6.69
N TYR A 157 -1.26 19.41 -5.82
CA TYR A 157 -2.68 19.36 -6.20
C TYR A 157 -3.52 20.32 -5.38
N ASN A 158 -2.91 21.27 -4.67
CA ASN A 158 -3.64 22.20 -3.82
C ASN A 158 -4.59 21.45 -2.88
N VAL A 159 -4.20 20.26 -2.45
CA VAL A 159 -4.96 19.47 -1.49
C VAL A 159 -4.38 19.75 -0.11
N PRO A 160 -5.12 20.43 0.78
CA PRO A 160 -4.59 20.65 2.13
C PRO A 160 -4.07 19.37 2.76
N CYS A 161 -2.79 19.37 3.11
CA CYS A 161 -2.15 18.23 3.76
C CYS A 161 -1.18 18.73 4.81
N ARG A 162 -1.20 18.09 5.98
CA ARG A 162 -0.34 18.45 7.09
C ARG A 162 0.65 17.31 7.33
N PHE A 163 1.94 17.63 7.27
CA PHE A 163 2.98 16.67 7.60
C PHE A 163 3.12 16.62 9.12
N ILE A 164 2.79 15.46 9.72
CA ILE A 164 2.73 15.32 11.16
C ILE A 164 3.85 14.46 11.71
N GLY A 165 4.71 13.92 10.86
CA GLY A 165 5.71 12.97 11.31
C GLY A 165 5.13 11.57 11.38
N HIS A 166 6.01 10.60 11.59
CA HIS A 166 5.66 9.19 11.60
C HIS A 166 5.63 8.67 13.03
N THR A 167 4.53 8.03 13.40
CA THR A 167 4.38 7.55 14.78
C THR A 167 5.45 6.53 15.14
N MET A 168 5.90 5.72 14.18
CA MET A 168 6.98 4.78 14.46
C MET A 168 8.25 5.50 14.88
N ALA A 169 8.50 6.68 14.32
CA ALA A 169 9.67 7.46 14.73
C ALA A 169 9.52 7.95 16.18
N ASP A 170 8.29 8.19 16.63
CA ASP A 170 8.10 8.56 18.02
C ASP A 170 8.31 7.35 18.93
N ALA A 171 7.93 6.17 18.47
CA ALA A 171 7.96 4.98 19.32
C ALA A 171 9.35 4.33 19.38
N MET A 172 10.21 4.60 18.40
CA MET A 172 11.53 3.96 18.35
C MET A 172 12.60 4.95 18.75
N PRO A 173 13.51 4.61 19.66
CA PRO A 173 14.51 5.59 20.12
C PRO A 173 15.53 5.90 19.03
N LEU A 174 16.14 7.08 19.15
CA LEU A 174 17.18 7.47 18.20
C LEU A 174 18.36 6.51 18.25
N ASP A 175 18.71 6.03 19.43
CA ASP A 175 19.89 5.18 19.65
C ASP A 175 19.43 3.85 20.24
N PRO A 176 19.04 2.88 19.41
CA PRO A 176 18.64 1.58 19.94
C PRO A 176 19.83 0.82 20.49
N ASP A 177 19.54 -0.20 21.30
CA ASP A 177 20.55 -0.99 21.98
C ASP A 177 20.73 -2.30 21.21
N LYS A 178 21.76 -2.35 20.36
CA LYS A 178 22.03 -3.55 19.58
C LYS A 178 22.25 -4.75 20.49
N ASN A 179 23.09 -4.59 21.52
CA ASN A 179 23.41 -5.72 22.38
C ASN A 179 22.18 -6.22 23.13
N ALA A 180 21.29 -5.31 23.53
CA ALA A 180 20.06 -5.74 24.20
C ALA A 180 19.18 -6.55 23.27
N ALA A 181 19.09 -6.15 22.00
CA ALA A 181 18.32 -6.93 21.04
C ALA A 181 18.96 -8.30 20.81
N ARG A 182 20.29 -8.36 20.78
CA ARG A 182 20.95 -9.65 20.63
C ARG A 182 20.69 -10.55 21.83
N ASP A 183 20.66 -9.98 23.02
CA ASP A 183 20.36 -10.78 24.21
C ASP A 183 18.96 -11.38 24.11
N VAL A 184 17.98 -10.60 23.66
CA VAL A 184 16.62 -11.11 23.50
C VAL A 184 16.59 -12.29 22.54
N LEU A 185 17.29 -12.17 21.41
CA LEU A 185 17.27 -13.21 20.39
C LEU A 185 18.27 -14.32 20.63
N GLY A 186 19.14 -14.18 21.64
CA GLY A 186 20.19 -15.16 21.86
C GLY A 186 21.24 -15.15 20.77
N ILE A 187 21.63 -13.97 20.32
CA ILE A 187 22.64 -13.81 19.28
C ILE A 187 23.95 -13.42 19.95
N PRO A 188 25.08 -14.08 19.65
CA PRO A 188 26.34 -13.70 20.29
C PRO A 188 26.75 -12.28 19.90
N HIS A 189 27.35 -11.56 20.85
CA HIS A 189 27.77 -10.18 20.59
C HIS A 189 28.99 -10.10 19.68
N ASP A 190 29.83 -11.15 19.66
CA ASP A 190 31.07 -11.13 18.90
C ASP A 190 30.88 -11.51 17.44
N ALA A 191 29.71 -12.00 17.05
CA ALA A 191 29.49 -12.50 15.70
C ALA A 191 28.89 -11.42 14.81
N HIS A 192 29.23 -11.46 13.54
CA HIS A 192 28.48 -10.70 12.54
C HIS A 192 27.11 -11.34 12.36
N CYS A 193 26.11 -10.50 12.10
CA CYS A 193 24.73 -10.95 12.06
C CYS A 193 24.01 -10.30 10.88
N LEU A 194 23.34 -11.12 10.07
CA LEU A 194 22.61 -10.67 8.89
C LEU A 194 21.14 -10.98 9.07
N ALA A 195 20.30 -9.96 8.87
CA ALA A 195 18.85 -10.12 8.88
C ALA A 195 18.35 -10.30 7.46
N LEU A 196 17.53 -11.32 7.24
CA LEU A 196 16.88 -11.60 5.96
C LEU A 196 15.38 -11.41 6.14
N LEU A 197 14.82 -10.40 5.49
CA LEU A 197 13.38 -10.15 5.51
C LEU A 197 12.81 -10.44 4.14
N PRO A 198 12.40 -11.69 3.86
CA PRO A 198 11.97 -12.05 2.50
C PRO A 198 10.62 -11.46 2.11
N GLY A 199 9.90 -10.82 3.03
CA GLY A 199 8.65 -10.15 2.68
C GLY A 199 7.48 -10.60 3.51
N SER A 200 6.48 -9.73 3.63
CA SER A 200 5.25 -10.06 4.36
C SER A 200 4.17 -10.62 3.45
N ARG A 201 4.35 -10.58 2.13
CA ARG A 201 3.39 -11.09 1.17
C ARG A 201 3.91 -12.37 0.54
N GLY A 202 2.99 -13.28 0.21
CA GLY A 202 3.40 -14.55 -0.37
C GLY A 202 4.15 -14.39 -1.69
N ALA A 203 3.71 -13.45 -2.51
CA ALA A 203 4.40 -13.20 -3.78
C ALA A 203 5.85 -12.79 -3.54
N GLU A 204 6.09 -11.93 -2.56
CA GLU A 204 7.44 -11.48 -2.27
C GLU A 204 8.31 -12.64 -1.78
N VAL A 205 7.80 -13.41 -0.81
CA VAL A 205 8.56 -14.54 -0.29
C VAL A 205 8.93 -15.49 -1.42
N GLU A 206 7.95 -15.82 -2.27
CA GLU A 206 8.20 -16.76 -3.37
C GLU A 206 9.27 -16.22 -4.32
N SER A 207 9.26 -14.90 -4.58
CA SER A 207 10.18 -14.32 -5.55
C SER A 207 11.60 -14.18 -5.00
N LEU A 208 11.75 -13.93 -3.70
CA LEU A 208 13.03 -13.47 -3.18
C LEU A 208 13.72 -14.46 -2.24
N SER A 209 12.99 -15.41 -1.65
CA SER A 209 13.57 -16.24 -0.61
C SER A 209 14.80 -16.99 -1.11
N ALA A 210 14.69 -17.61 -2.29
CA ALA A 210 15.81 -18.37 -2.84
C ALA A 210 17.04 -17.50 -3.01
N ASP A 211 16.88 -16.33 -3.64
CA ASP A 211 18.03 -15.47 -3.88
C ASP A 211 18.61 -14.95 -2.57
N PHE A 212 17.76 -14.66 -1.59
CA PHE A 212 18.25 -14.18 -0.30
C PHE A 212 19.06 -15.27 0.41
N LEU A 213 18.59 -16.52 0.34
CA LEU A 213 19.34 -17.62 0.92
C LEU A 213 20.67 -17.81 0.22
N LYS A 214 20.68 -17.78 -1.11
CA LYS A 214 21.94 -17.91 -1.84
C LYS A 214 22.89 -16.77 -1.50
N THR A 215 22.36 -15.56 -1.35
CA THR A 215 23.18 -14.43 -0.90
C THR A 215 23.86 -14.76 0.42
N ALA A 216 23.08 -15.24 1.40
CA ALA A 216 23.65 -15.56 2.69
C ALA A 216 24.68 -16.68 2.59
N GLN A 217 24.44 -17.67 1.72
CA GLN A 217 25.43 -18.71 1.49
C GLN A 217 26.73 -18.10 0.99
N LEU A 218 26.66 -17.18 0.02
CA LEU A 218 27.86 -16.53 -0.46
C LEU A 218 28.56 -15.78 0.67
N LEU A 219 27.80 -15.07 1.50
CA LEU A 219 28.42 -14.30 2.57
C LEU A 219 29.07 -15.21 3.61
N ARG A 220 28.53 -16.41 3.81
CA ARG A 220 29.17 -17.36 4.73
C ARG A 220 30.58 -17.72 4.27
N GLN A 221 30.85 -17.62 2.97
CA GLN A 221 32.19 -17.90 2.47
C GLN A 221 33.21 -16.91 3.03
N THR A 222 32.78 -15.66 3.28
CA THR A 222 33.64 -14.67 3.89
C THR A 222 33.50 -14.66 5.40
N TYR A 223 32.27 -14.77 5.90
CA TYR A 223 32.00 -14.79 7.32
C TYR A 223 31.45 -16.16 7.73
N PRO A 224 32.32 -17.14 7.95
CA PRO A 224 31.83 -18.50 8.22
C PRO A 224 31.00 -18.61 9.49
N ASP A 225 31.16 -17.69 10.44
CA ASP A 225 30.37 -17.66 11.65
C ASP A 225 29.23 -16.64 11.58
N LEU A 226 28.86 -16.22 10.37
CA LEU A 226 27.80 -15.24 10.21
C LEU A 226 26.48 -15.78 10.77
N GLU A 227 25.87 -15.04 11.68
CA GLU A 227 24.54 -15.36 12.17
C GLU A 227 23.52 -14.83 11.17
N ILE A 228 22.47 -15.61 10.92
CA ILE A 228 21.43 -15.26 9.96
C ILE A 228 20.09 -15.37 10.65
N VAL A 229 19.39 -14.24 10.78
CA VAL A 229 18.10 -14.19 11.46
C VAL A 229 17.04 -13.83 10.43
N VAL A 230 15.93 -14.56 10.47
CA VAL A 230 14.87 -14.43 9.47
C VAL A 230 13.54 -14.19 10.17
N PRO A 231 13.10 -12.93 10.31
CA PRO A 231 11.79 -12.68 10.93
C PRO A 231 10.67 -12.94 9.94
N LEU A 232 9.77 -13.85 10.29
CA LEU A 232 8.67 -14.28 9.44
C LEU A 232 7.37 -13.81 10.06
N VAL A 233 6.58 -13.07 9.28
CA VAL A 233 5.44 -12.35 9.85
C VAL A 233 4.36 -13.29 10.38
N ASN A 234 4.16 -14.44 9.74
CA ASN A 234 3.08 -15.34 10.14
C ASN A 234 3.44 -16.77 9.79
N ALA A 235 2.60 -17.70 10.25
CA ALA A 235 2.87 -19.12 10.07
C ALA A 235 2.88 -19.51 8.59
N LYS A 236 1.97 -18.94 7.81
CA LYS A 236 1.92 -19.26 6.38
C LYS A 236 3.23 -18.86 5.71
N ARG A 237 3.64 -17.60 5.86
CA ARG A 237 4.90 -17.16 5.28
C ARG A 237 6.07 -17.99 5.81
N ARG A 238 6.00 -18.41 7.07
CA ARG A 238 7.05 -19.26 7.62
C ARG A 238 7.10 -20.61 6.90
N GLU A 239 5.96 -21.30 6.82
CA GLU A 239 5.93 -22.57 6.11
C GLU A 239 6.38 -22.41 4.67
N GLN A 240 6.06 -21.27 4.05
CA GLN A 240 6.52 -21.01 2.68
C GLN A 240 8.03 -20.93 2.62
N PHE A 241 8.64 -20.23 3.58
CA PHE A 241 10.09 -20.04 3.58
C PHE A 241 10.82 -21.35 3.85
N GLU A 242 10.36 -22.11 4.85
CA GLU A 242 10.98 -23.40 5.15
C GLU A 242 10.93 -24.31 3.94
N ARG A 243 9.80 -24.29 3.22
CA ARG A 243 9.66 -25.11 2.01
C ARG A 243 10.72 -24.73 0.99
N ILE A 244 10.90 -23.43 0.74
CA ILE A 244 11.92 -22.99 -0.21
C ILE A 244 13.30 -23.33 0.30
N LYS A 245 13.57 -23.07 1.58
CA LYS A 245 14.89 -23.38 2.14
C LYS A 245 15.23 -24.85 2.00
N ALA A 246 14.24 -25.73 2.22
CA ALA A 246 14.49 -27.16 2.14
C ALA A 246 14.96 -27.57 0.75
N GLU A 247 14.59 -26.80 -0.28
CA GLU A 247 14.95 -27.13 -1.65
C GLU A 247 16.18 -26.36 -2.14
N VAL A 248 16.53 -25.26 -1.50
CA VAL A 248 17.60 -24.37 -1.97
C VAL A 248 18.82 -24.44 -1.07
N ALA A 249 18.63 -24.41 0.26
CA ALA A 249 19.74 -24.37 1.20
C ALA A 249 19.35 -25.15 2.45
N PRO A 250 19.19 -26.47 2.32
CA PRO A 250 18.79 -27.28 3.49
C PRO A 250 19.82 -27.26 4.61
N ASP A 251 21.11 -27.12 4.30
CA ASP A 251 22.17 -27.24 5.28
C ASP A 251 22.64 -25.88 5.81
N LEU A 252 21.99 -24.80 5.42
CA LEU A 252 22.33 -23.47 5.94
C LEU A 252 21.59 -23.24 7.25
N SER A 253 22.33 -23.12 8.34
CA SER A 253 21.73 -22.88 9.65
C SER A 253 21.33 -21.42 9.77
N VAL A 254 20.05 -21.18 10.13
CA VAL A 254 19.54 -19.84 10.30
C VAL A 254 18.62 -19.82 11.52
N HIS A 255 18.35 -18.61 12.01
CA HIS A 255 17.38 -18.39 13.08
C HIS A 255 16.06 -17.99 12.44
N LEU A 256 15.07 -18.88 12.50
CA LEU A 256 13.73 -18.57 12.03
C LEU A 256 12.94 -17.98 13.19
N LEU A 257 12.52 -16.72 13.06
CA LEU A 257 11.81 -16.02 14.11
C LEU A 257 10.35 -15.83 13.74
N ASP A 258 9.48 -15.94 14.73
CA ASP A 258 8.06 -15.61 14.58
C ASP A 258 7.92 -14.12 14.86
N GLY A 259 7.78 -13.32 13.81
CA GLY A 259 7.79 -11.88 13.98
C GLY A 259 9.15 -11.41 14.46
N MET A 260 9.13 -10.41 15.34
CA MET A 260 10.35 -9.87 15.94
C MET A 260 11.28 -9.28 14.89
N GLY A 261 10.71 -8.73 13.81
CA GLY A 261 11.54 -8.08 12.81
C GLY A 261 12.30 -6.89 13.36
N ARG A 262 11.66 -6.13 14.25
CA ARG A 262 12.33 -4.99 14.86
C ARG A 262 13.56 -5.42 15.64
N GLU A 263 13.40 -6.41 16.53
CA GLU A 263 14.54 -6.94 17.28
C GLU A 263 15.63 -7.43 16.34
N ALA A 264 15.26 -8.15 15.28
CA ALA A 264 16.25 -8.69 14.36
C ALA A 264 17.06 -7.58 13.71
N MET A 265 16.41 -6.47 13.36
CA MET A 265 17.11 -5.40 12.67
C MET A 265 17.99 -4.60 13.63
N VAL A 266 17.48 -4.29 14.82
CA VAL A 266 18.30 -3.61 15.82
C VAL A 266 19.55 -4.43 16.13
N ALA A 267 19.43 -5.76 16.07
CA ALA A 267 20.52 -6.65 16.46
C ALA A 267 21.56 -6.81 15.35
N SER A 268 21.15 -6.73 14.09
CA SER A 268 22.03 -7.14 13.01
C SER A 268 23.01 -6.03 12.63
N ASP A 269 24.07 -6.44 11.93
CA ASP A 269 25.03 -5.50 11.36
C ASP A 269 24.65 -5.07 9.95
N ALA A 270 23.77 -5.82 9.29
CA ALA A 270 23.24 -5.45 7.98
C ALA A 270 21.95 -6.22 7.78
N ALA A 271 21.11 -5.70 6.90
CA ALA A 271 19.81 -6.31 6.63
C ALA A 271 19.59 -6.37 5.12
N LEU A 272 18.98 -7.47 4.67
CA LEU A 272 18.59 -7.67 3.28
C LEU A 272 17.07 -7.76 3.26
N LEU A 273 16.42 -6.75 2.68
CA LEU A 273 14.98 -6.56 2.81
C LEU A 273 14.32 -6.61 1.45
N ALA A 274 13.12 -7.21 1.41
CA ALA A 274 12.29 -7.14 0.22
C ALA A 274 11.99 -5.69 -0.15
N SER A 275 11.44 -4.93 0.80
CA SER A 275 11.16 -3.49 0.68
C SER A 275 9.88 -3.14 1.42
N GLY A 276 9.47 -1.89 1.33
CA GLY A 276 8.23 -1.46 1.94
C GLY A 276 8.41 -0.97 3.35
N THR A 277 7.46 -1.30 4.23
CA THR A 277 7.52 -0.80 5.61
C THR A 277 8.78 -1.26 6.32
N ALA A 278 9.31 -2.42 5.94
CA ALA A 278 10.51 -2.92 6.60
C ALA A 278 11.67 -1.94 6.46
N ALA A 279 11.82 -1.33 5.28
CA ALA A 279 12.95 -0.43 5.05
C ALA A 279 12.91 0.77 5.99
N LEU A 280 11.73 1.32 6.24
CA LEU A 280 11.62 2.42 7.20
C LEU A 280 11.97 1.95 8.60
N GLU A 281 11.36 0.84 9.03
CA GLU A 281 11.65 0.29 10.35
C GLU A 281 13.14 -0.04 10.49
N CYS A 282 13.74 -0.54 9.42
CA CYS A 282 15.17 -0.85 9.44
C CYS A 282 15.99 0.43 9.62
N MET A 283 15.58 1.51 8.94
CA MET A 283 16.28 2.78 9.08
C MET A 283 16.21 3.27 10.53
N LEU A 284 15.02 3.20 11.14
CA LEU A 284 14.86 3.62 12.53
C LEU A 284 15.60 2.70 13.48
N SER A 285 15.85 1.45 13.07
CA SER A 285 16.67 0.52 13.85
C SER A 285 18.16 0.79 13.69
N LYS A 286 18.55 1.72 12.82
CA LYS A 286 19.95 2.06 12.57
C LYS A 286 20.72 0.87 12.03
N CYS A 287 20.05 0.01 11.27
CA CYS A 287 20.69 -1.13 10.66
C CYS A 287 20.95 -0.85 9.18
N PRO A 288 22.19 -0.81 8.72
CA PRO A 288 22.43 -0.66 7.28
C PRO A 288 21.71 -1.75 6.50
N MET A 289 21.23 -1.40 5.31
CA MET A 289 20.35 -2.29 4.57
C MET A 289 20.70 -2.29 3.09
N VAL A 290 20.32 -3.39 2.44
CA VAL A 290 20.26 -3.50 0.99
C VAL A 290 18.84 -3.91 0.64
N VAL A 291 18.24 -3.22 -0.32
CA VAL A 291 16.85 -3.44 -0.72
C VAL A 291 16.83 -4.26 -2.00
N GLY A 292 16.23 -5.44 -1.94
CA GLY A 292 16.05 -6.26 -3.11
C GLY A 292 14.57 -6.40 -3.44
N TYR A 293 14.19 -6.20 -4.70
CA TYR A 293 12.79 -6.36 -5.05
C TYR A 293 12.68 -6.82 -6.49
N ARG A 294 11.63 -7.58 -6.76
CA ARG A 294 11.39 -8.15 -8.06
C ARG A 294 9.89 -8.24 -8.29
N MET A 295 9.43 -7.79 -9.45
CA MET A 295 8.01 -7.83 -9.77
C MET A 295 7.84 -8.31 -11.20
N LYS A 296 6.62 -8.70 -11.53
CA LYS A 296 6.32 -9.15 -12.88
C LYS A 296 6.75 -8.07 -13.87
N PRO A 297 7.68 -8.37 -14.78
CA PRO A 297 8.04 -7.35 -15.78
C PRO A 297 6.84 -6.92 -16.61
N PHE A 298 6.01 -7.88 -17.01
CA PHE A 298 4.87 -7.59 -17.86
C PHE A 298 3.97 -6.53 -17.23
N THR A 299 3.61 -6.70 -15.95
CA THR A 299 2.73 -5.72 -15.33
C THR A 299 3.44 -4.41 -15.05
N PHE A 300 4.74 -4.45 -14.71
CA PHE A 300 5.47 -3.21 -14.53
C PHE A 300 5.42 -2.36 -15.80
N TRP A 301 5.53 -3.02 -16.95
CA TRP A 301 5.45 -2.31 -18.22
C TRP A 301 4.07 -1.69 -18.41
N LEU A 302 3.01 -2.48 -18.19
CA LEU A 302 1.64 -1.95 -18.27
C LEU A 302 1.49 -0.71 -17.40
N ALA A 303 1.87 -0.82 -16.12
CA ALA A 303 1.79 0.32 -15.21
C ALA A 303 2.55 1.51 -15.79
N LYS A 304 3.83 1.32 -16.08
CA LYS A 304 4.64 2.38 -16.68
C LYS A 304 3.99 2.92 -17.95
N ARG A 305 3.43 2.02 -18.77
CA ARG A 305 2.68 2.47 -19.94
C ARG A 305 1.56 3.41 -19.53
N LEU A 306 0.77 3.02 -18.52
CA LEU A 306 -0.34 3.85 -18.06
C LEU A 306 0.17 5.18 -17.50
N VAL A 307 1.08 5.13 -16.54
CA VAL A 307 1.64 6.35 -15.97
C VAL A 307 2.08 7.30 -17.08
N LYS A 308 2.70 6.75 -18.13
CA LYS A 308 3.25 7.58 -19.19
C LYS A 308 2.17 8.16 -20.10
N THR A 309 1.11 7.39 -20.38
CA THR A 309 0.14 7.77 -21.41
C THR A 309 -1.31 7.85 -20.96
N ASP A 310 -1.67 7.32 -19.79
CA ASP A 310 -3.07 7.14 -19.35
C ASP A 310 -3.75 5.97 -20.04
N TYR A 311 -3.08 5.26 -20.95
CA TYR A 311 -3.63 4.12 -21.65
C TYR A 311 -2.82 2.86 -21.38
N VAL A 312 -3.40 1.73 -21.77
CA VAL A 312 -2.77 0.44 -21.57
C VAL A 312 -2.92 -0.42 -22.82
N SER A 313 -3.90 -0.12 -23.66
CA SER A 313 -4.20 -0.92 -24.83
C SER A 313 -3.60 -0.29 -26.08
N LEU A 314 -3.19 -1.15 -27.00
CA LEU A 314 -2.49 -0.74 -28.22
C LEU A 314 -3.38 0.10 -29.14
N PRO A 315 -4.66 -0.23 -29.32
CA PRO A 315 -5.49 0.63 -30.18
C PRO A 315 -5.49 2.08 -29.76
N ASN A 316 -5.59 2.36 -28.46
CA ASN A 316 -5.58 3.74 -28.00
C ASN A 316 -4.21 4.38 -28.15
N LEU A 317 -3.13 3.60 -27.97
CA LEU A 317 -1.79 4.14 -28.21
C LEU A 317 -1.61 4.49 -29.68
N LEU A 318 -2.17 3.70 -30.59
CA LEU A 318 -2.10 4.00 -32.01
C LEU A 318 -2.99 5.18 -32.37
N ALA A 319 -4.14 5.32 -31.69
CA ALA A 319 -5.07 6.39 -32.01
C ALA A 319 -4.73 7.69 -31.31
N GLY A 320 -4.03 7.63 -30.17
CA GLY A 320 -3.73 8.83 -29.42
C GLY A 320 -4.89 9.35 -28.61
N ARG A 321 -5.92 8.54 -28.37
CA ARG A 321 -7.08 8.94 -27.60
C ARG A 321 -7.72 7.67 -27.04
N GLU A 322 -8.79 7.84 -26.26
CA GLU A 322 -9.53 6.68 -25.75
C GLU A 322 -10.51 6.21 -26.82
N LEU A 323 -9.95 5.57 -27.84
CA LEU A 323 -10.77 5.00 -28.91
C LEU A 323 -11.60 3.83 -28.39
N VAL A 324 -10.99 2.95 -27.61
CA VAL A 324 -11.68 1.84 -26.99
C VAL A 324 -11.73 2.09 -25.48
N LYS A 325 -12.82 1.66 -24.85
CA LYS A 325 -13.00 1.89 -23.43
C LYS A 325 -12.06 0.98 -22.63
N GLU A 326 -11.31 1.59 -21.71
CA GLU A 326 -10.44 0.86 -20.80
C GLU A 326 -10.98 1.01 -19.39
N LEU A 327 -11.30 -0.11 -18.75
CA LEU A 327 -11.79 -0.14 -17.38
C LEU A 327 -10.78 -0.92 -16.55
N LEU A 328 -10.07 -0.22 -15.65
CA LEU A 328 -8.94 -0.79 -14.95
C LEU A 328 -9.17 -0.75 -13.44
N GLN A 329 -8.57 -1.71 -12.74
CA GLN A 329 -8.64 -1.80 -11.28
C GLN A 329 -10.09 -1.80 -10.81
N GLU A 330 -10.48 -0.84 -9.96
CA GLU A 330 -11.81 -0.87 -9.38
C GLU A 330 -12.90 -0.63 -10.43
N GLU A 331 -12.56 -0.05 -11.58
CA GLU A 331 -13.53 0.13 -12.65
C GLU A 331 -13.74 -1.13 -13.47
N CYS A 332 -12.88 -2.13 -13.32
CA CYS A 332 -13.06 -3.42 -13.99
C CYS A 332 -14.04 -4.23 -13.15
N GLU A 333 -15.33 -3.91 -13.32
CA GLU A 333 -16.40 -4.43 -12.50
C GLU A 333 -17.58 -4.74 -13.40
N PRO A 334 -18.32 -5.82 -13.15
CA PRO A 334 -19.36 -6.26 -14.12
C PRO A 334 -20.31 -5.17 -14.61
N GLN A 335 -20.91 -4.39 -13.71
CA GLN A 335 -21.87 -3.39 -14.14
C GLN A 335 -21.24 -2.42 -15.14
N LYS A 336 -20.01 -1.96 -14.85
CA LYS A 336 -19.36 -1.01 -15.74
C LYS A 336 -18.94 -1.67 -17.05
N LEU A 337 -18.48 -2.92 -16.98
CA LEU A 337 -18.11 -3.65 -18.20
C LEU A 337 -19.32 -3.87 -19.09
N ALA A 338 -20.45 -4.26 -18.49
CA ALA A 338 -21.66 -4.50 -19.26
C ALA A 338 -22.19 -3.21 -19.89
N ALA A 339 -22.17 -2.10 -19.14
CA ALA A 339 -22.61 -0.83 -19.70
C ALA A 339 -21.72 -0.41 -20.86
N ALA A 340 -20.43 -0.74 -20.82
CA ALA A 340 -19.54 -0.39 -21.90
C ALA A 340 -19.73 -1.27 -23.12
N LEU A 341 -20.16 -2.52 -22.94
CA LEU A 341 -20.33 -3.43 -24.06
C LEU A 341 -21.69 -3.29 -24.73
N LEU A 342 -22.70 -2.81 -24.00
CA LEU A 342 -24.05 -2.74 -24.57
C LEU A 342 -24.10 -1.88 -25.83
N PRO A 343 -23.52 -0.67 -25.87
CA PRO A 343 -23.55 0.09 -27.12
C PRO A 343 -22.88 -0.62 -28.28
N LEU A 344 -21.90 -1.47 -27.99
CA LEU A 344 -21.17 -2.17 -29.04
C LEU A 344 -21.94 -3.37 -29.56
N LEU A 345 -22.58 -4.12 -28.67
CA LEU A 345 -23.36 -5.28 -29.10
C LEU A 345 -24.52 -4.85 -30.00
N ALA A 346 -25.02 -3.62 -29.83
CA ALA A 346 -26.06 -3.11 -30.70
C ALA A 346 -25.68 -3.24 -32.17
N ASN A 347 -24.38 -3.32 -32.48
CA ASN A 347 -23.91 -3.57 -33.84
C ASN A 347 -24.51 -2.55 -34.81
N GLY A 348 -24.52 -1.29 -34.40
CA GLY A 348 -25.11 -0.23 -35.20
C GLY A 348 -24.14 0.88 -35.54
N LYS A 349 -24.56 2.13 -35.31
CA LYS A 349 -23.76 3.28 -35.72
C LYS A 349 -22.42 3.32 -35.00
N THR A 350 -22.44 3.16 -33.68
CA THR A 350 -21.20 3.23 -32.89
C THR A 350 -20.22 2.16 -33.34
N SER A 351 -20.69 0.91 -33.45
CA SER A 351 -19.82 -0.17 -33.90
C SER A 351 -19.27 0.08 -35.29
N HIS A 352 -20.04 0.78 -36.14
CA HIS A 352 -19.58 1.07 -37.49
C HIS A 352 -18.48 2.14 -37.48
N ALA A 353 -18.59 3.12 -36.58
CA ALA A 353 -17.56 4.15 -36.50
C ALA A 353 -16.26 3.59 -35.95
N MET A 354 -16.34 2.74 -34.92
CA MET A 354 -15.15 2.06 -34.43
C MET A 354 -14.58 1.13 -35.50
N HIS A 355 -15.44 0.51 -36.30
CA HIS A 355 -14.99 -0.35 -37.39
C HIS A 355 -14.17 0.45 -38.40
N ASP A 356 -14.63 1.64 -38.77
CA ASP A 356 -13.93 2.43 -39.77
C ASP A 356 -12.59 2.94 -39.24
N THR A 357 -12.55 3.37 -37.98
CA THR A 357 -11.29 3.80 -37.39
C THR A 357 -10.31 2.63 -37.29
N PHE A 358 -10.82 1.44 -36.93
CA PHE A 358 -9.98 0.25 -36.91
C PHE A 358 -9.37 -0.02 -38.28
N ARG A 359 -10.15 0.18 -39.35
CA ARG A 359 -9.63 -0.04 -40.69
C ARG A 359 -8.55 0.99 -41.03
N GLU A 360 -8.73 2.22 -40.57
CA GLU A 360 -7.72 3.26 -40.82
C GLU A 360 -6.42 2.92 -40.10
N LEU A 361 -6.49 2.56 -38.82
CA LEU A 361 -5.30 2.22 -38.09
C LEU A 361 -4.65 0.96 -38.66
N HIS A 362 -5.47 -0.03 -39.04
CA HIS A 362 -4.95 -1.22 -39.72
C HIS A 362 -4.10 -0.82 -40.92
N GLN A 363 -4.59 0.10 -41.75
CA GLN A 363 -3.84 0.51 -42.92
C GLN A 363 -2.54 1.21 -42.55
N GLN A 364 -2.53 1.96 -41.45
CA GLN A 364 -1.34 2.71 -41.05
C GLN A 364 -0.19 1.80 -40.64
N ILE A 365 -0.45 0.56 -40.24
CA ILE A 365 0.59 -0.36 -39.81
C ILE A 365 0.71 -1.56 -40.74
N ARG A 366 0.04 -1.52 -41.89
CA ARG A 366 0.15 -2.53 -42.93
C ARG A 366 1.17 -2.02 -43.95
N CYS A 367 2.43 -2.42 -43.80
CA CYS A 367 3.52 -1.88 -44.60
C CYS A 367 4.35 -2.92 -45.33
N ASN A 368 3.97 -4.20 -45.26
CA ASN A 368 4.80 -5.30 -45.76
C ASN A 368 6.13 -5.34 -44.98
N ALA A 369 5.99 -5.73 -43.72
CA ALA A 369 7.11 -5.63 -42.78
C ALA A 369 8.27 -6.52 -43.18
N ASP A 370 7.99 -7.73 -43.69
CA ASP A 370 9.06 -8.61 -44.14
C ASP A 370 9.97 -7.89 -45.13
N GLU A 371 9.38 -7.19 -46.11
CA GLU A 371 10.18 -6.48 -47.10
C GLU A 371 10.89 -5.28 -46.49
N GLN A 372 10.21 -4.55 -45.60
CA GLN A 372 10.88 -3.46 -44.88
C GLN A 372 12.09 -3.97 -44.12
N ALA A 373 11.93 -5.06 -43.36
CA ALA A 373 13.06 -5.62 -42.63
C ALA A 373 14.16 -6.07 -43.58
N ALA A 374 13.79 -6.73 -44.68
CA ALA A 374 14.78 -7.18 -45.65
C ALA A 374 15.57 -6.00 -46.20
N GLN A 375 14.90 -4.88 -46.46
CA GLN A 375 15.59 -3.70 -46.98
C GLN A 375 16.52 -3.10 -45.93
N ALA A 376 16.11 -3.12 -44.66
CA ALA A 376 16.98 -2.63 -43.61
C ALA A 376 18.26 -3.45 -43.52
N VAL A 377 18.14 -4.77 -43.66
CA VAL A 377 19.32 -5.63 -43.68
C VAL A 377 20.22 -5.26 -44.84
N LEU A 378 19.62 -5.10 -46.03
CA LEU A 378 20.42 -4.86 -47.23
C LEU A 378 21.14 -3.52 -47.17
N GLU A 379 20.49 -2.50 -46.62
CA GLU A 379 21.15 -1.21 -46.47
C GLU A 379 22.37 -1.32 -45.58
N LEU A 380 22.22 -1.95 -44.41
CA LEU A 380 23.33 -2.08 -43.49
C LEU A 380 24.46 -2.91 -44.08
N ALA A 381 24.13 -3.91 -44.88
CA ALA A 381 25.14 -4.77 -45.50
C ALA A 381 25.94 -3.99 -46.54
#